data_4CBF
#
_entry.id   4CBF
#
_cell.length_a   1.000
_cell.length_b   1.000
_cell.length_c   1.000
_cell.angle_alpha   90.00
_cell.angle_beta   90.00
_cell.angle_gamma   90.00
#
_symmetry.space_group_name_H-M   'P 1'
#
loop_
_entity.id
_entity.type
_entity.pdbx_description
1 polymer 'ENVELOPE PROTEIN E'
2 polymer 'M PROTEIN'
#
loop_
_entity_poly.entity_id
_entity_poly.type
_entity_poly.pdbx_seq_one_letter_code
_entity_poly.pdbx_strand_id
1 'polypeptide(L)'
;MRCVGVGNRDFVEGVSGGAWVDLVLEHGGCVTTMAQGKPTLDFELTKTTAKEVALLRTYCIEASISNITTATRCPTQGEP
YLKEEQDQQYICRRDVVDRGWGNGCGLFGKGGVVTCAKFLCSGKITGNLVQIENLEYTVAVTVHNGDTHAVGNDTSSHGV
TATITPRSPSVEVKLPDYGELTLDCEPRSGIDFNEMILMKMKKKTWLVHKQWFLDLPLPWTAGADTSEVHWNHKERMVTF
KVPHAKRQDVTVLGSQEGAMHSALAGATEVDSGDGNHMFAGHLKCKVRMEKLRIKGMSYTMCSGKFSIDKEMAETQHGTT
VVKVKYEGAGAPCKVPIEIRDVNKEKVVGRIISSTPFAENTNSVTNIELEPPFGDSYIVIGVGESALTLHWFRKGSSIGK
MFESTYRGAKRMAILGETAWDFGSVGGLFTSLGKAVHQVFGSVYTTMFGGVSWMVRILIGFLVLWIGTNSRNTSMAMTCI
AVGGITLFLGFTVQA
;
A,C,E
2 'polypeptide(L)' SVALTPHSGMGLETRAETWMSSEGAWKHAQRVESWILRNPGFALLAGFMAYMIGQTGIQRTVFFVLMMLVAPSY B,D,F
#
# COMPACT_ATOMS: atom_id res chain seq x y z
CA MET A 1 24.73 -15.42 -54.95
CA ARG A 2 22.90 -12.10 -54.64
CA CYS A 3 24.91 -9.13 -53.28
CA VAL A 4 24.84 -8.15 -56.88
CA GLY A 5 21.74 -6.29 -55.74
CA VAL A 6 20.01 -5.39 -52.47
CA GLY A 7 22.60 -2.67 -52.05
CA ASN A 8 23.87 -2.04 -48.49
CA ARG A 9 26.26 -4.94 -48.97
CA ASP A 10 29.68 -4.78 -47.23
CA PHE A 11 33.07 -6.46 -47.47
CA VAL A 12 35.34 -7.42 -44.57
CA GLU A 13 38.51 -8.26 -46.54
CA GLY A 14 40.52 -10.02 -43.81
CA VAL A 15 40.62 -13.49 -42.28
CA SER A 16 42.26 -12.82 -38.89
CA GLY A 17 44.95 -14.98 -37.26
CA GLY A 18 44.25 -18.71 -37.42
CA ALA A 19 41.10 -18.04 -39.49
CA TRP A 20 38.38 -16.08 -37.71
CA VAL A 21 36.15 -13.33 -39.15
CA ASP A 22 32.79 -12.77 -37.43
CA LEU A 23 29.88 -11.28 -39.43
CA VAL A 24 26.45 -10.31 -38.12
CA LEU A 25 24.44 -10.18 -41.35
CA GLU A 26 21.14 -8.57 -40.33
CA HIS A 27 18.23 -9.03 -42.68
CA GLY A 28 18.15 -7.45 -46.07
CA GLY A 29 21.90 -7.52 -46.37
CA CYS A 30 24.99 -9.26 -47.55
CA VAL A 31 28.45 -9.88 -46.10
CA THR A 32 31.20 -11.06 -48.48
CA THR A 33 34.11 -12.98 -46.92
CA MET A 34 36.41 -12.32 -49.91
CA ALA A 35 39.82 -12.62 -48.31
CA GLN A 36 42.81 -14.26 -50.06
CA GLY A 37 43.12 -17.96 -50.87
CA LYS A 38 39.55 -18.74 -49.75
CA PRO A 39 36.66 -19.23 -52.18
CA THR A 40 34.94 -15.98 -51.44
CA LEU A 41 31.55 -16.35 -49.83
CA ASP A 42 28.59 -14.07 -49.20
CA PHE A 43 25.68 -14.04 -46.75
CA GLU A 44 22.31 -12.83 -45.47
CA LEU A 45 19.60 -14.25 -43.24
CA THR A 46 16.40 -15.59 -44.84
CA LYS A 47 14.35 -15.29 -41.63
CA THR A 48 13.90 -15.79 -37.90
CA THR A 49 11.48 -18.39 -36.64
CA ALA A 50 9.78 -18.95 -33.29
CA LYS A 51 6.84 -21.37 -32.73
CA GLU A 52 7.23 -21.82 -28.94
CA VAL A 53 4.81 -18.86 -28.55
CA ALA A 54 3.23 -17.76 -25.24
CA LEU A 55 0.09 -15.54 -25.12
CA LEU A 56 -0.39 -13.02 -22.30
CA ARG A 57 -3.49 -10.89 -21.92
CA THR A 58 -5.64 -9.77 -24.87
CA TYR A 59 -7.84 -6.68 -25.58
CA CYS A 60 -11.60 -6.13 -25.46
CA ILE A 61 -10.79 -3.16 -28.75
CA GLU A 62 -14.93 -4.10 -31.03
CA ALA A 63 -17.37 -4.01 -28.13
CA SER A 64 -20.76 -2.49 -27.50
CA ILE A 65 -23.07 -2.04 -24.57
CA SER A 66 -26.54 -3.58 -24.27
CA ASN A 67 -29.26 -3.83 -21.61
CA ILE A 68 -29.29 -0.31 -20.24
CA THR A 69 -30.55 -0.74 -16.63
CA THR A 70 -30.61 2.06 -14.02
CA ALA A 71 -31.44 2.54 -10.31
CA THR A 72 -31.81 5.51 -7.96
CA ARG A 73 -32.52 7.13 -4.59
CA CYS A 74 -33.53 10.49 -3.02
CA PRO A 75 -30.70 12.75 -1.72
CA THR A 76 -29.16 11.11 1.37
CA GLN A 77 -31.40 8.41 2.91
CA GLY A 78 -28.80 6.13 1.38
CA GLU A 79 -27.19 5.98 -2.05
CA PRO A 80 -27.53 3.97 -5.33
CA TYR A 81 -29.27 0.77 -4.49
CA LEU A 82 -29.85 -1.90 -7.16
CA LYS A 83 -28.08 -5.25 -7.19
CA GLU A 84 -28.56 -6.58 -10.75
CA GLU A 85 -25.25 -4.73 -11.12
CA GLN A 86 -23.30 -7.77 -9.74
CA ASP A 87 -21.98 -10.40 -12.19
CA GLN A 88 -18.55 -9.96 -13.85
CA GLN A 89 -19.38 -7.91 -16.89
CA TYR A 90 -21.34 -4.70 -16.53
CA ILE A 91 -19.47 -1.49 -16.00
CA CYS A 92 -21.16 0.67 -13.39
CA ARG A 93 -20.16 4.01 -11.73
CA ARG A 94 -21.80 6.02 -8.95
CA ASP A 95 -23.10 9.49 -10.04
CA VAL A 96 -25.34 12.42 -9.08
CA VAL A 97 -28.55 13.83 -10.65
CA ASP A 98 -31.19 15.79 -8.78
CA ARG A 99 -34.16 13.66 -7.63
CA GLY A 100 -36.62 16.23 -6.27
CA TRP A 101 -40.45 16.32 -5.96
CA GLY A 102 -40.74 16.16 -9.77
CA ASN A 103 -40.63 12.42 -9.19
CA GLY A 104 -41.47 11.97 -5.52
CA CYS A 105 -39.71 11.70 -2.16
CA GLY A 106 -39.42 14.74 0.10
CA LEU A 107 -36.23 16.77 0.33
CA PHE A 108 -34.19 17.33 -2.85
CA GLY A 109 -30.47 17.94 -3.14
CA LYS A 110 -28.71 14.96 -4.76
CA GLY A 111 -29.13 11.18 -4.35
CA GLY A 112 -27.57 8.09 -5.86
CA VAL A 113 -28.10 6.83 -9.42
CA VAL A 114 -25.53 4.53 -11.02
CA THR A 115 -26.03 2.45 -14.11
CA CYS A 116 -24.26 -0.59 -15.54
CA ALA A 117 -25.22 -2.64 -18.61
CA LYS A 118 -23.87 -5.94 -20.05
CA PHE A 119 -20.83 -5.50 -22.22
CA LEU A 120 -18.99 -7.96 -24.42
CA CYS A 121 -16.62 -7.29 -27.37
CA SER A 122 -15.58 -8.40 -30.86
CA GLY A 123 -12.17 -7.42 -32.36
CA LYS A 124 -9.75 -9.26 -30.09
CA ILE A 125 -6.38 -7.53 -30.33
CA THR A 126 -3.57 -9.62 -28.96
CA GLY A 127 -0.80 -12.10 -29.79
CA ASN A 128 2.03 -13.08 -27.46
CA LEU A 129 5.65 -13.19 -26.23
CA VAL A 130 7.92 -15.70 -27.94
CA GLN A 131 9.57 -18.44 -25.91
CA ILE A 132 12.99 -16.96 -26.73
CA GLU A 133 14.48 -20.28 -25.74
CA ASN A 134 14.24 -21.80 -29.23
CA LEU A 135 13.69 -20.12 -32.55
CA GLU A 136 16.90 -20.12 -34.72
CA TYR A 137 17.38 -18.29 -37.95
CA THR A 138 18.59 -19.36 -41.37
CA VAL A 139 21.68 -17.81 -42.88
CA ALA A 140 22.67 -17.58 -46.56
CA VAL A 141 25.62 -19.53 -48.08
CA THR A 142 26.50 -19.02 -51.76
CA VAL A 143 29.94 -19.22 -53.44
CA HIS A 144 30.66 -17.37 -56.71
CA ASN A 145 30.77 -18.79 -60.23
CA GLY A 146 28.60 -17.56 -63.14
CA ASP A 147 25.65 -19.48 -64.71
CA THR A 148 22.01 -18.31 -64.88
CA HIS A 149 22.23 -18.47 -61.11
CA ALA A 150 24.64 -15.48 -61.28
CA VAL A 151 22.59 -12.56 -60.05
CA GLY A 152 20.12 -12.95 -57.19
CA ASN A 153 19.60 -16.71 -56.84
CA ASP A 154 17.37 -16.06 -53.79
CA THR A 155 15.59 -19.48 -54.12
CA SER A 156 18.24 -21.92 -55.43
CA SER A 157 21.28 -20.54 -53.61
CA HIS A 158 23.67 -23.47 -53.53
CA GLY A 159 23.95 -25.05 -50.07
CA VAL A 160 20.98 -23.61 -48.17
CA THR A 161 21.53 -22.38 -44.61
CA ALA A 162 21.60 -24.63 -41.55
CA THR A 163 19.44 -23.35 -38.69
CA ILE A 164 21.59 -22.19 -35.82
CA THR A 165 19.15 -22.56 -32.93
CA PRO A 166 19.85 -21.70 -29.28
CA ARG A 167 19.52 -25.46 -29.14
CA SER A 168 22.39 -25.81 -31.63
CA PRO A 169 24.50 -22.66 -32.27
CA SER A 170 27.08 -25.07 -33.60
CA VAL A 171 25.98 -26.38 -37.02
CA GLU A 172 28.19 -26.21 -40.10
CA VAL A 173 27.39 -26.11 -43.87
CA LYS A 174 28.37 -28.71 -46.52
CA LEU A 175 28.89 -26.92 -49.87
CA PRO A 176 29.09 -29.08 -53.00
CA ASP A 177 32.84 -29.93 -53.52
CA TYR A 178 33.85 -26.60 -51.91
CA GLY A 179 34.89 -26.80 -48.23
CA GLU A 180 32.57 -26.23 -45.26
CA LEU A 181 32.84 -23.41 -42.74
CA THR A 182 31.74 -24.54 -39.32
CA LEU A 183 29.97 -21.24 -38.62
CA ASP A 184 29.89 -21.37 -34.80
CA CYS A 185 27.12 -18.95 -33.93
CA GLU A 186 24.53 -18.28 -31.25
CA PRO A 187 21.05 -16.78 -31.01
CA ARG A 188 19.18 -15.55 -27.97
CA SER A 189 21.02 -12.22 -27.64
CA GLY A 190 20.32 -10.62 -30.96
CA ILE A 191 17.65 -7.92 -31.15
CA ASP A 192 16.61 -9.50 -27.87
CA PHE A 193 13.08 -10.78 -27.33
CA ASN A 194 12.57 -10.88 -23.55
CA GLU A 195 10.75 -7.55 -23.97
CA MET A 196 9.45 -7.23 -27.48
CA ILE A 197 6.07 -8.97 -27.58
CA LEU A 198 4.41 -8.84 -31.00
CA MET A 199 0.64 -9.07 -30.84
CA LYS A 200 -1.74 -9.01 -33.77
CA MET A 201 -5.19 -7.39 -33.86
CA LYS A 202 -6.40 -9.03 -37.09
CA LYS A 203 -3.98 -10.66 -39.53
CA LYS A 204 -0.58 -8.96 -39.13
CA THR A 205 0.87 -7.64 -35.85
CA TRP A 206 4.37 -5.92 -36.05
CA LEU A 207 6.22 -6.59 -32.75
CA VAL A 208 6.33 -3.61 -30.43
CA HIS A 209 7.47 -5.25 -27.18
CA LYS A 210 6.42 -5.78 -23.52
CA GLN A 211 6.08 -2.32 -22.04
CA TRP A 212 2.97 -1.82 -24.18
CA PHE A 213 0.80 -4.87 -24.74
CA LEU A 214 0.65 -4.79 -20.93
CA ASP A 215 0.36 -1.09 -19.96
CA LEU A 216 -1.62 0.86 -22.59
CA PRO A 217 -5.25 1.92 -21.88
CA LEU A 218 -7.84 -0.38 -23.54
CA PRO A 219 -10.27 -2.68 -21.69
CA TRP A 220 -7.91 -5.42 -20.84
CA THR A 221 -8.55 -9.17 -20.57
CA ALA A 222 -6.85 -11.47 -18.12
CA GLY A 223 -4.30 -13.36 -20.20
CA ALA A 224 -4.20 -17.04 -19.29
CA ASP A 225 -7.97 -16.76 -18.80
CA THR A 226 -9.11 -18.30 -22.21
CA SER A 227 -11.92 -15.82 -23.12
CA GLU A 228 -13.06 -16.10 -19.51
CA VAL A 229 -15.56 -13.34 -20.04
CA HIS A 230 -14.73 -11.14 -17.01
CA TRP A 231 -12.47 -8.19 -17.80
CA ASN A 232 -10.45 -5.57 -15.93
CA HIS A 233 -10.71 -1.82 -16.56
CA LYS A 234 -13.72 -2.76 -18.70
CA GLU A 235 -15.00 0.80 -19.21
CA ARG A 236 -12.69 2.58 -21.69
CA MET A 237 -15.21 1.38 -24.19
CA VAL A 238 -17.74 2.91 -21.90
CA THR A 239 -18.65 6.44 -20.94
CA PHE A 240 -21.14 8.43 -18.86
CA LYS A 241 -23.28 11.46 -19.51
CA VAL A 242 -25.78 12.51 -16.83
CA PRO A 243 -26.88 15.97 -18.27
CA HIS A 244 -27.97 18.79 -15.97
CA ALA A 245 -29.48 16.06 -13.79
CA LYS A 246 -31.41 13.30 -15.61
CA ARG A 247 -29.72 9.91 -15.99
CA GLN A 248 -26.93 7.78 -17.34
CA ASP A 249 -26.61 6.25 -20.79
CA VAL A 250 -22.97 5.51 -21.53
CA THR A 251 -21.71 4.11 -24.89
CA VAL A 252 -18.99 2.28 -26.83
CA LEU A 253 -16.84 5.40 -27.23
CA GLY A 254 -16.21 4.68 -30.88
CA SER A 255 -14.65 1.54 -32.31
CA GLN A 256 -11.16 2.82 -31.51
CA GLU A 257 -9.82 -0.29 -33.17
CA GLY A 258 -8.17 1.24 -36.21
CA ALA A 259 -6.97 4.08 -34.03
CA MET A 260 -4.65 1.51 -32.53
CA HIS A 261 -2.73 1.39 -35.79
CA SER A 262 -2.89 5.18 -35.76
CA ALA A 263 -0.47 4.81 -32.88
CA LEU A 264 2.17 2.16 -32.40
CA ALA A 265 4.18 3.70 -35.25
CA GLY A 266 7.17 2.51 -33.22
CA ALA A 267 6.67 -1.05 -34.58
CA THR A 268 7.87 -3.08 -37.65
CA GLU A 269 5.34 -5.04 -39.84
CA VAL A 270 5.69 -8.57 -38.46
CA ASP A 271 4.89 -10.46 -41.67
CA SER A 272 1.50 -12.17 -42.07
CA GLY A 273 0.96 -14.68 -39.26
CA ASP A 274 1.49 -18.49 -38.97
CA GLY A 275 5.04 -19.78 -38.39
CA ASN A 276 5.70 -16.17 -37.35
CA HIS A 277 8.39 -15.12 -39.78
CA MET A 278 9.03 -11.45 -38.96
CA PHE A 279 12.32 -9.98 -40.17
CA ALA A 280 15.19 -8.13 -38.47
CA GLY A 281 16.99 -9.43 -35.38
CA HIS A 282 20.70 -9.98 -35.01
CA LEU A 283 23.26 -12.78 -34.81
CA LYS A 284 26.97 -12.04 -35.45
CA CYS A 285 29.44 -14.95 -35.29
CA LYS A 286 32.53 -16.95 -36.10
CA VAL A 287 33.11 -18.87 -39.35
CA ARG A 288 35.97 -21.46 -39.08
CA MET A 289 37.69 -20.87 -42.40
CA GLU A 290 39.63 -24.12 -42.57
CA LYS A 291 38.67 -26.83 -45.00
CA LEU A 292 36.88 -24.12 -47.07
CA ARG A 293 37.72 -25.43 -50.58
CA ILE A 294 38.58 -23.28 -53.73
CA LYS A 295 37.29 -25.64 -56.46
CA GLY A 296 39.17 -23.74 -59.14
CA MET A 297 42.70 -24.89 -58.19
CA SER A 298 44.07 -27.85 -60.06
CA TYR A 299 43.00 -27.08 -63.63
CA THR A 300 45.69 -26.06 -66.16
CA MET A 301 45.05 -22.34 -66.47
CA CYS A 302 43.20 -22.15 -69.82
CA SER A 303 43.41 -20.71 -73.41
CA GLY A 304 41.49 -19.88 -76.59
CA LYS A 305 39.34 -16.78 -77.30
CA PHE A 306 36.40 -15.21 -75.42
CA SER A 307 32.70 -14.51 -75.25
CA ILE A 308 31.04 -11.57 -73.52
CA ASP A 309 27.40 -10.84 -72.66
CA LYS A 310 25.38 -7.99 -71.01
CA GLU A 311 28.80 -6.36 -70.72
CA MET A 312 30.07 -4.04 -68.00
CA ALA A 313 27.16 -3.30 -65.62
CA GLU A 314 28.25 -2.44 -62.06
CA THR A 315 26.04 -1.25 -59.18
CA GLN A 316 25.47 1.10 -56.15
CA HIS A 317 29.11 0.82 -54.90
CA GLY A 318 32.35 -0.75 -56.26
CA THR A 319 30.68 -3.39 -58.36
CA THR A 320 30.40 -5.06 -61.83
CA VAL A 321 29.24 -8.20 -63.70
CA VAL A 322 30.18 -9.59 -67.17
CA LYS A 323 30.13 -13.01 -68.94
CA VAL A 324 32.67 -15.36 -70.64
CA LYS A 325 33.38 -18.68 -72.50
CA TYR A 326 36.45 -20.70 -73.41
CA GLU A 327 36.21 -21.20 -77.09
CA GLY A 328 38.39 -24.27 -77.71
CA ALA A 329 40.25 -26.58 -75.31
CA GLY A 330 37.09 -27.62 -73.44
CA ALA A 331 39.20 -28.74 -70.49
CA PRO A 332 37.26 -27.24 -67.67
CA CYS A 333 39.63 -24.53 -66.29
CA LYS A 334 40.19 -20.90 -65.03
CA VAL A 335 40.23 -17.60 -66.97
CA PRO A 336 42.89 -14.96 -66.75
CA ILE A 337 41.24 -11.64 -65.77
CA GLU A 338 43.39 -8.85 -64.40
CA ILE A 339 43.15 -5.08 -63.98
CA ARG A 340 45.78 -2.99 -65.80
CA ASP A 341 45.70 0.81 -66.04
CA VAL A 342 48.09 2.46 -68.48
CA ASN A 343 47.94 -1.03 -69.95
CA LYS A 344 51.68 -1.35 -69.28
CA GLU A 345 50.58 -4.14 -66.91
CA LYS A 346 50.13 -2.61 -63.46
CA VAL A 347 47.21 -4.84 -62.55
CA VAL A 348 45.47 -3.00 -59.69
CA GLY A 349 42.24 -4.27 -58.10
CA ARG A 350 41.91 -7.34 -55.88
CA ILE A 351 39.50 -9.13 -58.29
CA ILE A 352 36.56 -10.42 -56.23
CA SER A 353 34.98 -13.72 -57.17
CA SER A 354 38.39 -15.24 -56.26
CA THR A 355 39.53 -17.16 -59.39
CA PRO A 356 36.93 -17.53 -62.18
CA PHE A 357 37.36 -21.23 -62.65
CA ALA A 358 35.36 -20.91 -65.90
CA GLU A 359 33.89 -24.14 -67.25
CA ASN A 360 33.76 -25.98 -70.63
CA THR A 361 32.93 -25.22 -74.30
CA ASN A 362 30.23 -22.61 -73.67
CA SER A 363 28.37 -22.10 -70.35
CA VAL A 364 29.73 -18.61 -69.59
CA THR A 365 30.63 -17.43 -66.07
CA ASN A 366 29.84 -14.32 -64.03
CA ILE A 367 32.78 -12.96 -62.06
CA GLU A 368 33.68 -9.58 -60.39
CA LEU A 369 36.66 -7.16 -60.22
CA GLU A 370 35.86 -3.55 -59.26
CA PRO A 371 38.91 -1.80 -60.70
CA PRO A 372 40.17 1.27 -58.97
CA PHE A 373 39.21 4.57 -60.58
CA GLY A 374 39.90 6.80 -63.62
CA ASP A 375 41.17 4.59 -66.52
CA SER A 376 40.97 0.95 -65.46
CA TYR A 377 40.93 -1.63 -68.31
CA ILE A 378 40.40 -5.13 -66.83
CA VAL A 379 41.73 -7.21 -69.71
CA ILE A 380 39.72 -10.40 -69.50
CA GLY A 381 42.33 -11.46 -72.00
CA VAL A 382 44.62 -14.45 -72.14
CA GLY A 383 47.80 -13.14 -73.72
CA GLU A 384 46.16 -13.18 -77.13
CA SER A 385 43.74 -10.23 -76.92
CA ALA A 386 40.25 -11.11 -75.65
CA LEU A 387 38.34 -7.94 -75.01
CA THR A 388 38.48 -5.41 -72.12
CA LEU A 389 36.76 -1.94 -72.15
CA HIS A 390 37.59 1.14 -70.07
CA TRP A 391 35.88 2.27 -66.85
CA PHE A 392 36.01 5.79 -65.30
CA ARG A 393 35.24 4.28 -61.91
CA LYS A 394 32.41 6.70 -61.28
CA GLY A 395 33.72 9.76 -59.47
CA SER A 396 35.50 10.16 -56.13
CA SER A 397 38.57 8.22 -55.04
CA ILE A 398 40.38 9.33 -51.88
CA GLY A 399 37.38 11.32 -50.68
CA LYS A 400 35.47 8.08 -51.18
CA MET A 401 35.72 6.23 -47.86
CA PHE A 402 33.35 8.89 -46.49
CA GLU A 403 30.61 6.37 -47.09
CA SER A 404 32.82 3.67 -45.63
CA THR A 405 32.94 5.80 -42.45
CA TYR A 406 29.40 7.11 -42.73
CA ARG A 407 28.81 3.36 -42.86
CA GLY A 408 29.62 3.05 -39.19
CA ALA A 409 26.81 5.45 -38.23
CA LYS A 410 24.33 3.04 -39.59
CA ARG A 411 26.79 0.05 -39.14
CA MET A 412 26.67 1.30 -35.55
CA ALA A 413 23.64 3.09 -34.13
CA ILE A 414 20.62 1.14 -35.37
CA LEU A 415 22.60 -2.10 -35.72
CA GLY A 416 22.73 -1.82 -31.93
CA GLU A 417 25.91 -1.90 -29.83
CA THR A 418 27.32 -5.32 -30.62
CA ALA A 419 28.13 -3.87 -34.03
CA TRP A 420 31.36 -2.57 -32.55
CA ASP A 421 32.69 -5.26 -34.87
CA PHE A 422 32.10 -4.38 -38.58
CA GLY A 423 33.30 -7.96 -38.61
CA SER A 424 36.96 -8.92 -38.14
CA VAL A 425 38.68 -10.34 -35.07
CA GLY A 426 41.69 -10.29 -32.87
CA GLY A 427 40.93 -8.21 -29.79
CA LEU A 428 44.46 -7.23 -28.79
CA PHE A 429 43.96 -3.91 -30.57
CA THR A 430 40.92 -1.64 -31.32
CA SER A 431 38.79 -4.80 -31.30
CA LEU A 432 38.15 -5.68 -27.64
CA GLY A 433 39.38 -2.13 -27.02
CA LYS A 434 35.63 -2.35 -27.59
CA ALA A 435 34.15 -2.31 -24.08
CA VAL A 436 34.18 1.49 -24.24
CA HIS A 437 30.72 1.81 -25.79
CA GLN A 438 29.55 -0.22 -22.77
CA VAL A 439 30.30 2.27 -20.02
CA PHE A 440 28.79 4.44 -22.74
CA GLY A 441 26.03 1.94 -23.45
CA SER A 442 23.28 3.43 -21.34
CA VAL A 443 21.70 6.85 -22.22
CA TYR A 444 24.17 7.35 -25.13
CA THR A 445 23.49 5.77 -28.64
CA THR A 446 19.88 4.29 -28.33
CA MET A 447 19.10 4.86 -24.45
CA PHE A 448 18.18 8.21 -22.60
CA GLY A 449 15.54 8.91 -25.17
CA GLY A 450 12.54 6.69 -25.80
CA VAL A 451 11.93 10.10 -27.32
CA SER A 452 11.16 10.67 -31.00
CA TRP A 453 12.89 11.44 -34.27
CA MET A 454 11.52 14.94 -33.89
CA VAL A 455 12.17 16.03 -30.31
CA ARG A 456 15.52 14.25 -30.39
CA ILE A 457 16.73 16.60 -33.10
CA LEU A 458 15.69 19.45 -30.82
CA ILE A 459 17.24 18.52 -27.43
CA GLY A 460 20.71 18.07 -28.81
CA PHE A 461 20.44 21.39 -30.57
CA LEU A 462 20.02 22.63 -26.99
CA VAL A 463 23.10 21.19 -25.32
CA LEU A 464 25.06 21.93 -28.51
CA TRP A 465 24.17 25.48 -27.54
CA ILE A 466 25.26 25.28 -23.91
CA GLY A 467 28.48 23.80 -25.20
CA THR A 468 29.15 27.11 -26.98
CA ASN A 469 30.73 29.41 -24.40
CA SER A 470 30.53 28.31 -20.77
CA ARG A 471 32.72 26.49 -18.19
CA ASN A 472 34.82 25.80 -21.33
CA THR A 473 37.44 22.99 -21.73
CA SER A 474 36.19 21.84 -18.32
CA MET A 475 32.63 20.56 -17.53
CA ALA A 476 30.82 21.80 -20.71
CA MET A 477 33.20 21.60 -23.62
CA THR A 478 33.89 17.98 -22.66
CA CYS A 479 30.58 16.99 -24.21
CA ILE A 480 30.09 19.90 -26.67
CA ALA A 481 29.80 17.37 -29.46
CA VAL A 482 27.75 14.75 -27.64
CA GLY A 483 26.75 14.68 -31.28
CA GLY A 484 25.58 11.16 -30.69
CA ILE A 485 22.24 12.16 -29.10
CA THR A 486 22.08 14.89 -31.83
CA LEU A 487 23.40 14.58 -35.39
CA PHE A 488 24.80 11.20 -36.68
CA LEU A 489 21.48 9.63 -35.70
CA GLY A 490 19.25 12.68 -35.14
CA PHE A 491 18.84 14.08 -38.66
CA THR A 492 18.24 10.40 -39.66
CA VAL A 493 17.32 6.96 -38.14
CA GLN A 494 13.58 7.73 -38.76
CA ALA A 495 13.70 3.95 -39.18
CA SER B 1 -5.36 4.48 -26.32
CA VAL B 2 -4.25 5.27 -29.82
CA ALA B 3 -4.59 8.47 -27.92
CA LEU B 4 -1.15 9.96 -28.47
CA THR B 5 1.80 7.87 -27.14
CA PRO B 6 3.27 6.15 -30.16
CA HIS B 7 5.16 2.97 -29.17
CA SER B 8 8.42 4.34 -30.58
CA GLY B 9 11.71 4.98 -28.77
CA MET B 10 12.66 1.70 -27.08
CA GLY B 11 15.37 1.80 -29.78
CA LEU B 12 14.69 -1.81 -30.89
CA GLU B 13 14.16 -2.61 -34.61
CA THR B 14 16.07 -2.37 -37.95
CA ARG B 15 16.22 -1.71 -41.67
CA ALA B 16 12.60 -2.85 -41.93
CA GLU B 17 10.94 0.56 -41.99
CA THR B 18 9.38 0.65 -38.55
CA TRP B 19 5.66 0.37 -39.25
CA MET B 20 3.46 2.60 -41.36
CA SER B 21 5.86 5.45 -40.55
CA SER B 22 7.77 6.55 -43.66
CA GLU B 23 4.55 8.11 -44.94
CA GLY B 24 3.22 9.54 -41.72
CA ALA B 25 6.69 10.32 -40.29
CA TRP B 26 6.78 13.98 -41.32
CA LYS B 27 3.43 14.04 -39.51
CA HIS B 28 3.77 15.07 -35.88
CA ALA B 29 3.44 18.56 -37.43
CA GLN B 30 1.17 18.50 -40.51
CA ARG B 31 -1.24 20.46 -38.41
CA VAL B 32 0.69 21.66 -35.36
CA GLU B 33 0.35 24.95 -37.18
CA SER B 34 -3.32 24.24 -37.83
CA TRP B 35 -3.37 24.64 -34.07
CA ILE B 36 -1.98 28.06 -34.85
CA LEU B 37 -3.40 29.18 -38.14
CA ARG B 38 -6.73 28.94 -36.29
CA ASN B 39 -5.78 31.29 -33.44
CA PRO B 40 -2.65 33.48 -33.80
CA GLY B 41 -3.16 35.39 -30.61
CA PHE B 42 -1.64 32.44 -28.75
CA ALA B 43 1.89 33.01 -30.05
CA LEU B 44 1.92 36.67 -28.94
CA LEU B 45 1.33 35.42 -25.38
CA ALA B 46 4.67 33.58 -25.12
CA GLY B 47 6.86 36.54 -26.01
CA PHE B 48 5.33 38.18 -22.93
CA MET B 49 7.36 35.48 -21.23
CA ALA B 50 10.83 35.77 -22.72
CA TYR B 51 10.56 39.56 -23.11
CA MET B 52 10.02 39.53 -19.29
CA ILE B 53 10.84 36.00 -18.04
CA GLY B 54 14.55 35.45 -18.64
CA GLN B 55 16.17 38.12 -20.84
CA THR B 56 19.44 37.92 -22.80
CA GLY B 57 20.60 36.64 -26.22
CA ILE B 58 18.70 33.39 -25.76
CA GLN B 59 16.22 33.71 -22.84
CA ARG B 60 14.07 36.08 -25.00
CA THR B 61 13.92 34.46 -28.52
CA VAL B 62 14.68 30.97 -27.19
CA PHE B 63 12.77 30.41 -24.01
CA PHE B 64 9.63 30.80 -26.06
CA VAL B 65 9.52 28.05 -28.66
CA LEU B 66 10.59 25.48 -26.08
CA MET B 67 7.33 26.55 -24.49
CA MET B 68 5.12 27.45 -27.47
CA LEU B 69 6.20 24.46 -29.55
CA VAL B 70 4.24 21.30 -28.77
CA ALA B 71 3.54 22.24 -25.09
CA PRO B 72 0.64 22.92 -24.94
CA SER B 73 -0.97 22.55 -28.34
CA TYR B 74 -0.62 18.88 -27.53
CA MET C 1 -43.76 20.72 42.54
CA ARG C 2 -42.60 18.16 39.93
CA CYS C 3 -38.82 18.03 39.76
CA VAL C 4 -38.44 19.10 43.41
CA GLY C 5 -35.13 17.44 44.24
CA VAL C 6 -33.19 16.22 41.22
CA GLY C 7 -30.38 18.77 41.08
CA ASN C 8 -29.71 20.85 37.93
CA ARG C 9 -32.92 22.65 39.03
CA ASP C 10 -31.76 26.00 37.60
CA PHE C 11 -33.92 28.99 38.77
CA VAL C 12 -35.48 31.42 36.27
CA GLU C 13 -38.21 33.91 37.26
CA GLY C 14 -38.60 37.20 35.30
CA VAL C 15 -41.62 37.27 32.97
CA SER C 16 -40.40 40.33 31.01
CA GLY C 17 -42.81 42.18 28.68
CA GLY C 18 -45.53 40.08 30.26
CA ALA C 19 -44.84 37.03 28.16
CA TRP C 20 -41.91 34.95 26.96
CA VAL C 21 -39.85 34.43 30.10
CA ASP C 22 -37.32 32.50 27.94
CA LEU C 23 -36.10 29.04 29.06
CA VAL C 24 -34.29 26.08 27.53
CA LEU C 25 -34.86 22.79 29.28
CA GLU C 26 -31.93 20.39 29.02
CA HIS C 27 -32.84 16.76 28.40
CA GLY C 28 -33.08 15.14 31.83
CA GLY C 29 -33.48 17.94 34.45
CA CYS C 30 -35.69 21.11 34.66
CA VAL C 31 -36.27 24.77 35.42
CA THR C 32 -37.58 26.70 38.44
CA THR C 33 -39.44 29.94 37.57
CA MET C 34 -42.33 31.93 39.13
CA ALA C 35 -41.95 35.62 38.34
CA GLN C 36 -44.62 37.80 39.96
CA GLY C 37 -48.20 36.59 40.38
CA LYS C 38 -48.64 33.47 38.24
CA PRO C 39 -48.29 30.03 39.83
CA THR C 40 -44.93 28.29 40.20
CA LEU C 41 -44.37 26.17 37.02
CA ASP C 42 -41.61 23.69 36.25
CA PHE C 43 -40.66 21.88 33.05
CA GLU C 44 -38.63 18.72 32.31
CA LEU C 45 -38.43 17.45 28.70
CA THR C 46 -38.45 13.62 29.24
CA LYS C 47 -38.54 11.58 26.01
CA THR C 48 -38.25 12.77 22.43
CA THR C 49 -38.96 9.67 20.28
CA ALA C 50 -38.16 9.23 16.55
CA LYS C 51 -40.58 7.30 14.27
CA GLU C 52 -38.85 7.47 10.81
CA VAL C 53 -35.40 5.74 11.12
CA ALA C 54 -34.70 4.61 7.51
CA LEU C 55 -31.46 2.56 7.36
CA LEU C 56 -28.41 4.22 5.86
CA ARG C 57 -25.04 2.58 5.71
CA THR C 58 -25.18 -1.20 6.06
CA TYR C 59 -21.87 -1.96 7.81
CA CYS C 60 -20.99 -5.23 9.68
CA ILE C 61 -18.47 -7.03 11.92
CA GLU C 62 -17.37 -10.65 12.43
CA ALA C 63 -16.83 -13.19 9.61
CA SER C 64 -16.01 -16.77 8.52
CA ILE C 65 -14.62 -17.14 4.98
CA SER C 66 -14.83 -20.58 3.40
CA ASN C 67 -14.23 -22.91 0.40
CA ILE C 68 -10.83 -21.20 0.19
CA THR C 69 -9.01 -22.03 -3.02
CA THR C 70 -5.87 -20.50 -4.54
CA ALA C 71 -4.75 -20.44 -8.17
CA THR C 72 -1.12 -20.15 -9.37
CA ARG C 73 0.26 -19.55 -12.87
CA CYS C 74 3.99 -19.49 -13.61
CA PRO C 75 6.55 -16.76 -14.45
CA THR C 76 5.94 -13.98 -16.94
CA GLN C 77 2.49 -15.29 -17.74
CA GLY C 78 1.05 -12.00 -16.39
CA GLU C 79 -1.79 -13.55 -14.40
CA PRO C 80 -3.47 -16.86 -13.19
CA TYR C 81 -7.27 -16.21 -13.19
CA LEU C 82 -9.91 -18.52 -11.82
CA LYS C 83 -13.74 -18.24 -11.65
CA GLU C 84 -14.40 -16.95 -8.12
CA GLU C 85 -12.80 -13.47 -8.38
CA GLN C 86 -15.96 -13.34 -10.50
CA ASP C 87 -18.81 -13.79 -8.06
CA GLN C 88 -19.59 -10.32 -6.77
CA GLN C 89 -18.75 -11.53 -3.28
CA TYR C 90 -15.52 -13.39 -2.46
CA ILE C 91 -12.60 -11.00 -1.90
CA CYS C 92 -9.33 -11.85 -3.59
CA ARG C 93 -5.81 -10.39 -3.57
CA ARG C 94 -3.36 -10.74 -6.52
CA ASP C 95 0.42 -11.68 -6.13
CA VAL C 96 2.81 -14.67 -6.01
CA VAL C 97 5.02 -17.13 -4.08
CA ASP C 98 6.86 -18.01 -7.34
CA ARG C 99 7.52 -21.54 -8.62
CA GLY C 100 8.79 -23.93 -11.30
CA TRP C 101 10.88 -27.15 -11.87
CA GLY C 102 10.59 -27.67 -8.13
CA ASN C 103 6.85 -27.35 -7.97
CA GLY C 104 6.47 -27.79 -11.73
CA CYS C 105 6.54 -25.44 -14.73
CA GLY C 106 8.40 -23.79 -17.60
CA LEU C 107 10.69 -20.90 -16.80
CA PHE C 108 12.06 -20.41 -13.31
CA GLY C 109 11.76 -17.62 -10.79
CA LYS C 110 8.82 -15.32 -10.04
CA GLY C 111 5.19 -15.76 -11.18
CA GLY C 112 1.63 -15.04 -9.99
CA VAL C 113 -1.29 -16.50 -8.03
CA VAL C 114 -4.34 -14.71 -6.49
CA THR C 115 -6.70 -16.79 -4.27
CA CYS C 116 -10.31 -16.59 -2.97
CA ALA C 117 -12.64 -17.31 -0.01
CA LYS C 118 -16.46 -17.06 0.72
CA PHE C 119 -17.98 -14.29 2.83
CA LEU C 120 -21.26 -14.26 4.82
CA CYS C 121 -21.47 -11.80 7.79
CA SER C 122 -23.79 -11.82 10.79
CA GLY C 123 -23.13 -9.03 13.35
CA LYS C 124 -24.02 -5.60 11.93
CA ILE C 125 -25.47 -2.42 13.39
CA THR C 126 -27.46 -0.94 10.59
CA GLY C 127 -27.47 2.77 11.32
CA ASN C 128 -30.22 5.00 9.85
CA LEU C 129 -30.97 8.77 9.65
CA VAL C 130 -33.03 10.67 12.26
CA GLN C 131 -35.60 12.80 10.33
CA ILE C 132 -35.76 16.62 11.17
CA GLU C 133 -39.07 16.25 9.39
CA ASN C 134 -40.27 15.48 12.92
CA LEU C 135 -38.83 14.42 16.26
CA GLU C 136 -41.95 14.49 18.47
CA TYR C 137 -40.58 15.47 21.93
CA THR C 138 -42.68 15.42 25.07
CA VAL C 139 -41.88 18.50 27.18
CA ALA C 140 -43.81 18.34 30.40
CA VAL C 141 -45.23 21.07 32.62
CA THR C 142 -46.22 21.16 36.30
CA VAL C 143 -48.01 23.59 38.68
CA HIS C 144 -47.19 23.28 42.38
CA ASN C 145 -50.54 22.63 44.00
CA GLY C 146 -48.34 20.39 46.17
CA ASP C 147 -51.06 18.06 47.54
CA THR C 148 -49.76 15.08 49.58
CA HIS C 149 -49.74 12.64 46.63
CA ALA C 150 -45.93 12.73 46.41
CA VAL C 151 -43.43 15.64 46.27
CA GLY C 152 -40.76 15.20 43.68
CA ASN C 153 -43.08 12.85 41.92
CA ASP C 154 -42.53 12.00 38.26
CA THR C 155 -44.43 8.77 37.47
CA SER C 156 -48.15 9.16 36.62
CA SER C 157 -47.87 12.96 36.92
CA HIS C 158 -50.54 14.11 39.44
CA GLY C 159 -49.88 17.17 37.25
CA VAL C 160 -49.96 17.48 33.44
CA THR C 161 -47.91 17.88 30.25
CA ALA C 162 -47.67 17.54 26.45
CA THR C 163 -45.69 17.29 23.22
CA ILE C 164 -44.20 19.82 20.83
CA THR C 165 -43.14 18.77 17.31
CA PRO C 166 -42.15 20.58 14.19
CA ARG C 167 -45.56 19.81 12.69
CA SER C 168 -46.99 21.62 15.74
CA PRO C 169 -44.58 23.82 17.70
CA SER C 170 -47.26 25.49 19.79
CA VAL C 171 -50.08 23.94 21.88
CA GLU C 172 -51.84 25.60 24.86
CA VAL C 173 -51.55 22.75 27.39
CA LYS C 174 -52.73 24.08 30.78
CA LEU C 175 -54.39 22.06 33.59
CA PRO C 176 -57.32 22.23 36.03
CA ASP C 177 -58.75 25.48 37.46
CA TYR C 178 -55.50 27.35 37.11
CA GLY C 179 -55.66 29.32 33.88
CA GLU C 180 -54.10 28.63 30.47
CA LEU C 181 -50.34 28.73 29.75
CA THR C 182 -49.37 28.97 26.07
CA LEU C 183 -45.79 28.67 24.84
CA ASP C 184 -44.40 27.70 21.44
CA CYS C 185 -41.00 26.65 20.12
CA GLU C 186 -38.83 25.22 17.42
CA PRO C 187 -37.94 21.56 17.54
CA ARG C 188 -35.60 21.36 14.47
CA SER C 189 -32.92 23.04 16.53
CA GLY C 190 -31.92 21.48 19.84
CA ILE C 191 -29.13 18.92 19.94
CA ASP C 192 -29.89 18.71 16.20
CA PHE C 193 -29.65 15.90 13.68
CA ASN C 194 -29.31 15.82 9.87
CA GLU C 195 -25.99 14.09 10.65
CA MET C 196 -25.92 11.40 13.34
CA ILE C 197 -27.72 8.06 13.11
CA LEU C 198 -28.61 5.53 15.83
CA MET C 199 -25.92 2.85 15.13
CA LYS C 200 -28.10 0.54 17.27
CA MET C 201 -26.52 -2.91 16.75
CA LYS C 202 -26.60 -5.50 19.55
CA LYS C 203 -28.43 -3.78 22.35
CA LYS C 204 -26.71 -0.47 22.95
CA THR C 205 -27.70 2.27 20.47
CA TRP C 206 -26.04 5.69 20.87
CA LEU C 207 -25.95 8.49 18.25
CA VAL C 208 -22.72 9.83 16.75
CA HIS C 209 -21.16 12.33 14.40
CA LYS C 210 -22.16 11.73 10.81
CA GLN C 211 -18.89 11.84 9.06
CA TRP C 212 -17.14 9.61 11.58
CA PHE C 213 -19.84 7.03 11.13
CA LEU C 214 -19.45 7.32 7.42
CA ASP C 215 -16.18 5.45 7.42
CA LEU C 216 -14.21 3.32 9.90
CA PRO C 217 -12.20 0.81 7.72
CA LEU C 218 -14.70 -2.06 8.23
CA PRO C 219 -17.20 -3.72 5.89
CA TRP C 220 -19.94 -1.29 4.99
CA THR C 221 -22.39 -2.37 2.37
CA ALA C 222 -25.72 -0.95 1.40
CA GLY C 223 -28.53 1.52 2.03
CA ALA C 224 -30.99 -0.87 0.49
CA ASP C 225 -30.24 -4.18 2.07
CA THR C 226 -33.30 -6.33 1.58
CA SER C 227 -30.57 -9.00 1.39
CA GLU C 228 -26.88 -8.34 1.82
CA VAL C 229 -24.47 -8.53 -1.13
CA HIS C 230 -21.48 -7.04 -3.00
CA TRP C 231 -20.44 -5.93 0.45
CA ASN C 232 -18.34 -3.07 -0.97
CA HIS C 233 -14.76 -2.65 0.17
CA LYS C 234 -15.51 -5.56 2.56
CA GLU C 235 -12.02 -7.11 2.21
CA ARG C 236 -11.27 -6.52 5.95
CA MET C 237 -11.76 -9.08 8.72
CA VAL C 238 -9.71 -10.97 6.22
CA THR C 239 -6.00 -10.54 5.62
CA PHE C 240 -3.64 -12.39 3.22
CA LYS C 241 -0.52 -13.63 4.96
CA VAL C 242 1.70 -15.96 2.95
CA PRO C 243 4.63 -17.68 4.68
CA HIS C 244 8.26 -16.99 3.75
CA ALA C 245 8.16 -16.48 -0.05
CA LYS C 246 6.69 -19.83 -1.29
CA ARG C 247 3.07 -20.72 -0.28
CA GLN C 248 -0.07 -18.49 -0.26
CA ASP C 249 -3.17 -18.85 2.03
CA VAL C 250 -5.67 -16.36 3.52
CA THR C 251 -7.69 -16.26 6.68
CA VAL C 252 -10.46 -14.47 8.58
CA LEU C 253 -10.19 -12.03 11.43
CA GLY C 254 -11.98 -11.54 14.74
CA SER C 255 -15.28 -9.66 15.16
CA GLN C 256 -14.28 -6.08 15.55
CA GLU C 257 -17.13 -6.53 17.99
CA GLY C 258 -16.35 -5.30 21.45
CA ALA C 259 -13.40 -3.13 20.35
CA MET C 260 -15.78 -1.07 18.24
CA HIS C 261 -17.06 -0.33 21.70
CA SER C 262 -13.92 1.04 23.25
CA ALA C 263 -13.95 2.48 19.76
CA LEU C 264 -17.37 4.01 20.19
CA ALA C 265 -15.74 5.87 23.09
CA GLY C 266 -18.57 7.95 24.50
CA ALA C 267 -21.36 10.33 23.69
CA THR C 268 -25.12 10.18 23.42
CA GLU C 269 -25.87 6.53 24.03
CA VAL C 270 -29.63 6.09 24.12
CA ASP C 271 -31.41 2.75 24.70
CA SER C 272 -33.46 0.89 22.02
CA GLY C 273 -36.70 -1.15 21.35
CA ASP C 274 -39.95 0.44 20.05
CA GLY C 275 -40.38 3.98 18.66
CA ASN C 276 -36.71 4.57 19.40
CA HIS C 277 -37.53 6.59 22.52
CA MET C 278 -34.74 9.17 22.49
CA PHE C 279 -32.84 11.26 25.06
CA ALA C 280 -30.42 14.24 25.21
CA GLY C 281 -30.56 17.69 23.57
CA HIS C 282 -32.98 20.47 24.54
CA LEU C 283 -35.41 22.81 22.80
CA LYS C 284 -35.35 26.56 23.49
CA CYS C 285 -38.82 27.95 24.18
CA LYS C 286 -40.51 31.28 24.58
CA VAL C 287 -43.41 30.26 26.82
CA ARG C 288 -46.06 33.01 27.23
CA MET C 289 -47.72 34.15 30.41
CA GLU C 290 -51.14 35.62 31.23
CA LYS C 291 -54.28 33.68 32.16
CA LEU C 292 -52.85 31.04 34.56
CA ARG C 293 -54.64 32.24 37.74
CA ILE C 294 -53.54 30.94 41.17
CA LYS C 295 -56.45 28.78 42.39
CA GLY C 296 -56.52 30.83 45.57
CA MET C 297 -56.29 34.55 44.78
CA SER C 298 -59.93 34.09 45.71
CA TYR C 299 -59.42 32.10 48.91
CA THR C 300 -60.82 33.39 52.22
CA MET C 301 -58.29 33.00 55.00
CA CYS C 302 -57.27 29.93 56.97
CA SER C 303 -57.25 29.66 60.78
CA GLY C 304 -57.30 27.19 63.69
CA LYS C 305 -53.93 25.39 64.21
CA PHE C 306 -51.56 23.56 61.87
CA SER C 307 -49.79 20.24 61.27
CA ILE C 308 -46.21 19.83 60.06
CA ASP C 309 -46.64 16.18 59.00
CA LYS C 310 -42.95 16.01 58.23
CA GLU C 311 -40.03 18.26 59.25
CA MET C 312 -37.80 20.13 56.77
CA ALA C 313 -35.44 19.46 53.83
CA GLU C 314 -32.91 21.06 51.46
CA THR C 315 -31.48 19.66 48.16
CA GLN C 316 -28.75 21.13 45.93
CA HIS C 317 -30.31 24.41 47.07
CA GLY C 318 -31.76 24.61 50.60
CA THR C 319 -35.42 25.10 49.66
CA THR C 320 -37.45 22.69 51.84
CA VAL C 321 -40.43 20.33 51.42
CA VAL C 322 -42.42 20.67 54.68
CA LYS C 323 -45.58 18.64 55.11
CA VAL C 324 -48.21 20.93 56.54
CA LYS C 325 -51.58 19.44 57.39
CA TYR C 326 -54.23 22.10 57.93
CA GLU C 327 -57.03 21.88 60.51
CA GLY C 328 -59.51 24.54 61.68
CA ALA C 329 -62.66 24.25 59.54
CA GLY C 330 -62.61 23.52 55.81
CA ALA C 331 -62.88 25.74 52.77
CA PRO C 332 -60.39 26.65 50.01
CA CYS C 333 -58.54 29.34 51.99
CA LYS C 334 -55.07 30.80 51.29
CA VAL C 335 -52.51 29.24 53.65
CA PRO C 336 -51.04 31.97 55.84
CA ILE C 337 -47.34 31.45 55.56
CA GLU C 338 -44.13 33.39 55.82
CA ILE C 339 -40.59 33.36 57.20
CA ARG C 340 -38.84 36.17 59.08
CA ASP C 341 -35.62 36.97 61.03
CA VAL C 342 -34.40 34.90 64.03
CA ASN C 343 -37.24 35.91 66.42
CA LYS C 344 -38.15 39.45 65.39
CA GLU C 345 -39.91 40.47 62.10
CA LYS C 346 -37.96 40.65 58.79
CA VAL C 347 -38.67 38.77 55.52
CA VAL C 348 -35.58 36.99 54.10
CA GLY C 349 -36.79 34.52 51.48
CA ARG C 350 -40.33 34.15 50.15
CA ILE C 351 -42.19 31.00 49.29
CA ILE C 352 -41.56 30.44 45.56
CA SER C 353 -44.85 28.65 46.07
CA SER C 354 -47.19 31.45 45.06
CA THR C 355 -48.82 30.65 48.40
CA PRO C 356 -50.65 27.34 49.10
CA PHE C 357 -54.02 26.05 47.93
CA ALA C 358 -55.25 23.72 50.74
CA GLU C 359 -58.79 22.34 50.24
CA ASN C 360 -60.10 21.51 53.69
CA THR C 361 -59.83 19.29 56.77
CA ASN C 362 -56.49 17.45 56.37
CA SER C 363 -55.08 17.60 52.81
CA VAL C 364 -51.54 18.78 53.79
CA THR C 365 -49.62 20.77 51.21
CA ASN C 366 -46.00 21.15 50.22
CA ILE C 367 -44.96 24.73 50.07
CA GLU C 368 -41.22 25.48 50.18
CA LEU C 369 -39.17 28.28 51.81
CA GLU C 370 -35.56 29.46 51.17
CA PRO C 371 -34.14 31.27 54.20
CA PRO C 372 -30.86 33.29 53.86
CA PHE C 373 -27.36 32.77 55.18
CA GLY C 374 -28.66 32.76 58.75
CA ASP C 375 -30.62 30.58 61.15
CA SER C 376 -34.10 32.04 60.16
CA TYR C 377 -37.62 31.63 61.49
CA ILE C 378 -40.37 29.77 59.59
CA VAL C 379 -43.77 30.06 61.25
CA ILE C 380 -46.93 29.55 59.15
CA GLY C 381 -50.27 29.82 60.87
CA VAL C 382 -52.08 32.65 62.50
CA GLY C 383 -51.58 33.95 66.07
CA GLU C 384 -52.16 31.56 69.06
CA SER C 385 -48.62 30.40 68.38
CA ALA C 386 -49.17 27.68 65.76
CA LEU C 387 -45.70 26.52 64.74
CA THR C 388 -42.07 27.56 65.11
CA LEU C 389 -39.02 25.99 63.51
CA HIS C 390 -35.56 27.39 64.10
CA TRP C 391 -33.81 25.62 61.25
CA PHE C 392 -30.47 27.21 60.17
CA ARG C 393 -29.09 27.34 56.55
CA LYS C 394 -25.73 26.10 55.13
CA GLY C 395 -23.44 29.01 54.35
CA SER C 396 -25.10 31.16 51.67
CA SER C 397 -23.50 34.63 51.39
CA ILE C 398 -21.81 36.21 48.36
CA GLY C 399 -19.22 33.61 49.33
CA LYS C 400 -21.10 31.82 46.61
CA MET C 401 -20.55 33.94 43.48
CA PHE C 402 -18.71 30.80 42.32
CA GLU C 403 -21.77 28.49 41.71
CA SER C 404 -23.41 31.75 40.77
CA THR C 405 -21.19 31.16 37.75
CA TYR C 406 -19.52 27.74 37.48
CA ARG C 407 -23.18 26.74 37.51
CA GLY C 408 -23.59 29.54 34.94
CA ALA C 409 -20.70 28.06 32.98
CA LYS C 410 -22.63 24.84 32.67
CA ARG C 411 -25.97 26.37 31.55
CA MET C 412 -23.42 27.49 28.93
CA ALA C 413 -20.97 24.59 29.05
CA ILE C 414 -23.08 21.96 27.37
CA LEU C 415 -25.09 23.81 24.74
CA GLY C 416 -22.21 26.21 24.36
CA GLU C 417 -23.74 29.31 22.74
CA THR C 418 -27.42 29.22 21.86
CA ALA C 419 -27.10 28.55 25.53
CA TRP C 420 -27.09 32.00 27.25
CA ASP C 421 -30.76 32.38 26.64
CA PHE C 422 -32.91 31.16 29.52
CA GLY C 423 -33.20 34.48 31.29
CA SER C 424 -35.33 37.18 29.56
CA VAL C 425 -36.09 39.06 26.35
CA GLY C 426 -34.41 41.85 24.35
CA GLY C 427 -33.01 44.53 26.64
CA LEU C 428 -29.62 44.24 24.88
CA PHE C 429 -27.52 43.46 28.07
CA THR C 430 -28.27 40.01 26.57
CA SER C 431 -30.02 39.13 23.30
CA LEU C 432 -27.68 41.23 21.17
CA GLY C 433 -24.52 40.02 23.01
CA LYS C 434 -25.28 36.30 22.55
CA ALA C 435 -25.35 37.29 18.93
CA VAL C 436 -21.67 38.39 19.14
CA HIS C 437 -20.84 35.13 20.82
CA GLN C 438 -22.81 33.43 18.02
CA VAL C 439 -20.56 34.50 15.16
CA PHE C 440 -17.73 33.67 17.50
CA GLY C 441 -18.46 30.07 18.26
CA SER C 442 -17.58 29.97 14.59
CA VAL C 443 -14.11 29.70 16.09
CA TYR C 444 -13.65 28.15 19.57
CA THR C 445 -15.77 25.29 18.20
CA THR C 446 -14.94 25.14 14.47
CA MET C 447 -11.50 26.54 14.25
CA PHE C 448 -10.56 23.61 16.51
CA GLY C 449 -11.81 20.45 18.32
CA GLY C 450 -9.43 15.81 19.70
CA VAL C 451 -10.28 17.13 23.24
CA SER C 452 -10.59 14.43 25.95
CA TRP C 453 -10.60 14.27 29.78
CA MET C 454 -7.00 15.06 28.80
CA VAL C 455 -5.29 16.10 25.46
CA ARG C 456 -6.96 19.49 24.74
CA ILE C 457 -5.62 20.43 28.17
CA LEU C 458 -2.31 20.19 26.33
CA ILE C 459 -3.19 22.50 23.42
CA GLY C 460 -3.73 24.93 26.27
CA PHE C 461 -1.08 24.79 29.03
CA LEU C 462 0.88 25.20 25.76
CA VAL C 463 -0.57 28.32 24.09
CA LEU C 464 -0.73 30.19 27.38
CA TRP C 465 3.05 29.62 27.33
CA ILE C 466 3.08 32.78 25.26
CA GLY C 467 2.93 34.10 28.84
CA THR C 468 4.81 37.43 28.74
CA ASN C 469 6.48 36.23 25.51
CA SER C 470 4.75 38.20 22.75
CA ARG C 471 3.98 41.53 21.05
CA ASN C 472 2.27 44.17 23.27
CA THR C 473 -1.41 45.32 23.15
CA SER C 474 -2.24 42.28 20.97
CA MET C 475 -1.09 40.00 23.78
CA ALA C 476 -3.79 41.06 26.32
CA MET C 477 -6.61 39.05 24.64
CA THR C 478 -4.33 36.84 22.47
CA CYS C 479 -2.59 35.61 25.60
CA ILE C 480 -4.96 34.16 28.17
CA ALA C 481 -7.24 33.84 25.12
CA VAL C 482 -7.29 30.16 25.77
CA GLY C 483 -7.58 30.94 29.43
CA GLY C 484 -11.22 31.66 30.43
CA ILE C 485 -11.82 29.21 27.55
CA THR C 486 -10.45 25.98 26.04
CA LEU C 487 -8.16 25.33 28.95
CA PHE C 488 -11.48 25.52 30.82
CA LEU C 489 -12.91 22.39 29.21
CA GLY C 490 -9.93 20.72 30.86
CA PHE C 491 -8.64 19.81 34.36
CA THR C 492 -11.63 17.39 34.54
CA VAL C 493 -14.64 19.37 33.18
CA GLN C 494 -16.07 17.43 30.23
CA ALA C 495 -16.85 13.77 29.47
CA SER D 1 -9.26 -0.41 12.67
CA VAL D 2 -11.89 1.38 14.79
CA ALA D 3 -9.68 1.44 17.84
CA LEU D 4 -7.50 4.22 16.33
CA THR D 5 -10.42 6.71 16.41
CA PRO D 6 -12.64 7.71 19.23
CA HIS D 7 -15.70 9.89 19.69
CA SER D 8 -13.91 12.83 21.28
CA GLY D 9 -13.73 15.93 19.08
CA MET D 10 -17.44 15.74 18.36
CA GLY D 11 -20.30 18.11 17.78
CA LEU D 12 -22.04 16.25 20.53
CA GLU D 13 -20.97 18.48 23.44
CA THR D 14 -24.01 16.96 25.24
CA ARG D 15 -25.22 16.72 28.86
CA ALA D 16 -26.88 13.56 30.13
CA GLU D 17 -23.40 12.13 30.81
CA THR D 18 -21.01 9.32 26.98
CA TRP D 19 -20.99 5.57 26.31
CA MET D 20 -17.96 5.65 28.46
CA SER D 21 -17.56 7.83 31.49
CA SER D 22 -14.61 7.31 33.83
CA GLU D 23 -12.92 5.96 30.69
CA GLY D 24 -10.48 8.21 28.79
CA ALA D 25 -9.57 9.20 32.34
CA TRP D 26 -6.58 6.95 32.63
CA LYS D 27 -6.15 4.05 30.15
CA HIS D 28 -6.05 6.56 27.31
CA ALA D 29 -2.74 7.72 28.68
CA GLN D 30 -2.45 4.78 31.05
CA ARG D 31 -1.81 2.84 27.86
CA VAL D 32 1.31 4.77 26.79
CA GLU D 33 3.39 2.86 29.31
CA SER D 34 4.42 -0.49 27.81
CA TRP D 35 6.01 1.82 25.31
CA ILE D 36 7.65 4.14 27.83
CA LEU D 37 6.96 2.54 31.22
CA ARG D 38 8.66 -0.36 29.49
CA ASN D 39 12.11 0.19 27.95
CA PRO D 40 13.69 3.62 28.54
CA GLY D 41 14.57 3.78 24.91
CA PHE D 42 13.33 7.13 23.64
CA ALA D 43 14.00 9.15 26.78
CA LEU D 44 17.71 9.62 25.93
CA LEU D 45 16.55 9.67 22.30
CA ALA D 46 14.67 12.97 22.56
CA GLY D 47 18.11 13.76 23.91
CA PHE D 48 19.75 15.41 20.91
CA MET D 49 16.64 17.16 19.53
CA ALA D 50 15.69 18.87 22.77
CA TYR D 51 19.32 19.15 23.87
CA MET D 52 20.39 20.50 20.48
CA ILE D 53 17.43 21.30 18.22
CA GLY D 54 16.52 24.90 19.04
CA GLN D 55 17.16 25.87 22.65
CA THR D 56 15.26 28.73 24.34
CA GLY D 57 14.37 27.36 27.85
CA ILE D 58 11.17 25.96 26.28
CA GLN D 59 12.69 24.29 23.24
CA ARG D 60 14.61 22.24 25.89
CA THR D 61 11.11 20.75 26.52
CA VAL D 62 9.06 21.66 23.42
CA PHE D 63 9.87 18.14 22.36
CA PHE D 64 10.44 16.42 25.66
CA VAL D 65 6.76 17.45 25.99
CA LEU D 66 5.14 15.92 22.92
CA MET D 67 7.91 13.81 21.42
CA MET D 68 7.75 11.02 24.02
CA LEU D 69 4.04 10.84 23.15
CA VAL D 70 4.12 11.21 19.38
CA ALA D 71 4.92 7.64 18.49
CA PRO D 72 2.09 5.44 19.75
CA SER D 73 2.21 3.99 16.24
CA TYR D 74 1.37 7.31 14.58
CA MET E 1 18.66 -30.35 -6.87
CA ARG E 2 16.79 -29.14 -3.76
CA CYS E 3 17.13 -25.38 -3.53
CA VAL E 4 17.13 -23.64 -6.85
CA GLY E 5 14.08 -21.37 -6.65
CA VAL E 6 13.44 -19.03 -3.65
CA GLY E 7 14.98 -15.99 -2.04
CA ASN E 8 17.50 -16.89 0.67
CA ARG E 9 18.93 -19.27 -1.98
CA ASP E 10 22.29 -17.56 -1.34
CA PHE E 11 25.73 -19.10 -1.94
CA VAL E 12 28.71 -19.48 0.45
CA GLU E 13 31.95 -20.96 -0.95
CA GLY E 14 34.62 -21.21 1.80
CA VAL E 15 36.31 -23.84 4.02
CA SER E 16 38.95 -24.48 6.73
CA GLY E 17 41.85 -26.51 8.11
CA GLY E 18 39.30 -29.10 9.20
CA ALA E 19 36.24 -28.65 6.95
CA TRP E 20 35.67 -26.11 9.71
CA VAL E 21 32.83 -23.90 8.38
CA ASP E 22 29.88 -22.25 10.08
CA LEU E 23 26.42 -21.47 8.67
CA VAL E 24 23.23 -19.70 9.70
CA LEU E 25 19.84 -20.84 8.35
CA GLU E 26 17.07 -18.43 9.53
CA HIS E 27 13.85 -20.47 8.69
CA GLY E 28 12.95 -20.17 5.03
CA GLY E 29 15.60 -21.02 2.49
CA CYS E 30 18.97 -22.81 2.38
CA VAL E 31 22.48 -21.82 1.42
CA THR E 32 24.02 -24.70 -0.57
CA THR E 33 27.81 -24.51 -0.11
CA MET E 34 31.00 -25.43 -2.04
CA ALA E 35 34.74 -26.04 -2.11
CA GLN E 36 36.32 -28.63 -4.50
CA GLY E 37 37.57 -31.20 -1.93
CA LYS E 38 33.95 -32.37 -1.42
CA PRO E 39 30.38 -32.48 -2.99
CA THR E 40 27.46 -30.07 -2.56
CA LEU E 41 25.17 -29.21 0.31
CA ASP E 42 22.26 -26.94 1.20
CA PHE E 43 20.78 -27.04 4.71
CA GLU E 44 17.88 -25.09 6.31
CA LEU E 45 15.11 -24.98 8.96
CA THR E 46 11.65 -26.54 8.48
CA LYS E 47 10.40 -28.39 11.56
CA THR E 48 11.58 -26.51 14.65
CA THR E 49 9.26 -26.98 17.61
CA ALA E 50 9.10 -26.70 21.42
CA LYS E 51 8.67 -29.54 23.87
CA GLU E 52 5.71 -27.83 25.63
CA VAL E 53 5.69 -25.08 28.32
CA ALA E 54 4.16 -23.83 31.61
CA LEU E 55 1.26 -21.30 31.60
CA LEU E 56 0.67 -17.97 33.32
CA ARG E 57 -1.74 -15.10 32.57
CA THR E 58 -4.91 -15.87 30.62
CA TYR E 59 -7.65 -13.18 31.15
CA CYS E 60 -10.84 -12.87 29.09
CA ILE E 61 -11.47 -12.35 25.43
CA GLU E 62 -15.24 -13.00 25.64
CA ALA E 63 -17.21 -12.49 28.86
CA SER E 64 -20.83 -12.17 30.00
CA ILE E 65 -22.55 -10.60 33.02
CA SER E 66 -24.57 -12.34 35.80
CA ASN E 67 -27.91 -11.06 37.17
CA ILE E 68 -26.95 -7.64 38.48
CA THR E 69 -28.24 -6.88 41.98
CA THR E 70 -28.20 -3.50 43.79
CA ALA E 71 -29.27 -1.46 46.86
CA THR E 72 -28.78 2.04 48.31
CA ARG E 73 -29.97 4.35 51.10
CA CYS E 74 -31.05 7.94 51.70
CA PRO E 75 -28.02 10.19 51.41
CA THR E 76 -26.38 11.31 54.67
CA GLN E 77 -28.86 8.88 56.21
CA GLY E 78 -25.82 6.64 56.18
CA GLU E 79 -23.87 4.10 54.13
CA PRO E 80 -26.19 1.58 52.39
CA TYR E 81 -24.07 -1.37 51.30
CA LEU E 82 -25.29 -4.93 50.67
CA LYS E 83 -23.20 -8.13 50.37
CA GLU E 84 -21.64 -9.91 47.29
CA GLU E 85 -19.27 -6.94 47.35
CA GLN E 86 -16.62 -9.53 48.17
CA ASP E 87 -16.71 -12.64 45.97
CA GLN E 88 -14.16 -11.90 43.24
CA GLN E 89 -16.66 -13.41 40.91
CA TYR E 90 -18.70 -10.19 41.45
CA ILE E 91 -16.67 -6.90 41.29
CA CYS E 92 -18.35 -3.44 41.32
CA ARG E 93 -17.86 0.14 42.61
CA ARG E 94 -19.35 2.83 44.90
CA ASP E 95 -21.08 5.66 43.05
CA VAL E 96 -23.42 8.61 43.76
CA VAL E 97 -27.05 9.38 42.84
CA ASP E 98 -29.19 12.10 44.37
CA ARG E 99 -32.09 10.68 46.36
CA GLY E 100 -35.22 12.02 47.96
CA TRP E 101 -38.97 11.86 48.60
CA GLY E 102 -39.80 10.95 45.00
CA ASN E 103 -37.14 8.34 45.72
CA GLY E 104 -38.79 7.39 48.97
CA CYS E 105 -37.19 8.80 52.11
CA GLY E 106 -36.71 11.51 54.71
CA LEU E 107 -33.74 13.82 54.10
CA PHE E 108 -32.33 14.89 50.71
CA GLY E 109 -28.89 15.20 49.13
CA LYS E 110 -27.11 12.56 47.03
CA GLY E 111 -26.46 9.21 48.71
CA GLY E 112 -24.06 6.62 47.39
CA VAL E 113 -25.46 3.78 45.36
CA VAL E 114 -23.71 0.50 44.67
CA THR E 115 -24.54 -2.03 41.93
CA CYS E 116 -22.97 -5.48 41.61
CA ALA E 117 -22.79 -8.41 39.22
CA LYS E 118 -21.30 -11.92 39.08
CA PHE E 119 -18.91 -12.80 36.23
CA LEU E 120 -18.33 -15.90 34.10
CA CYS E 121 -16.22 -15.68 30.92
CA SER E 122 -15.84 -17.64 27.65
CA GLY E 123 -12.73 -17.77 25.47
CA LYS E 124 -9.29 -16.66 26.66
CA ILE E 125 -5.67 -16.67 25.63
CA THR E 126 -2.88 -18.53 27.41
CA GLY E 127 0.47 -18.96 29.19
CA ASN E 128 3.86 -20.23 28.08
CA LEU E 129 7.52 -19.14 28.47
CA VAL E 130 8.50 -21.78 25.87
CA GLN E 131 10.43 -23.66 28.60
CA ILE E 132 13.63 -23.49 26.49
CA GLU E 133 16.09 -26.41 26.64
CA ASN E 134 13.43 -28.39 24.86
CA LEU E 135 13.47 -26.56 21.60
CA GLU E 136 13.58 -28.98 18.68
CA TYR E 137 15.29 -28.56 15.34
CA THR E 138 15.27 -30.36 12.05
CA VAL E 139 17.85 -29.52 9.43
CA ALA E 140 17.69 -29.82 5.66
CA VAL E 141 20.77 -31.52 4.21
CA THR E 142 20.25 -33.00 0.73
CA VAL E 143 23.40 -32.70 -1.39
CA HIS E 144 22.73 -32.76 -5.18
CA ASN E 145 23.32 -35.53 -7.68
CA GLY E 146 19.94 -37.00 -6.97
CA ASP E 147 18.60 -37.23 -10.54
CA THR E 148 15.31 -35.92 -11.97
CA HIS E 149 12.70 -37.07 -9.42
CA ALA E 150 12.38 -33.41 -8.46
CA VAL E 151 15.26 -30.94 -8.26
CA GLY E 152 13.88 -28.95 -5.31
CA ASN E 153 11.49 -31.46 -3.72
CA ASP E 154 10.80 -32.60 -0.15
CA THR E 155 11.45 -35.75 2.03
CA SER E 156 12.81 -37.60 -1.04
CA SER E 157 16.31 -39.10 -1.74
CA HIS E 158 17.47 -36.44 0.76
CA GLY E 159 20.04 -37.16 3.49
CA VAL E 160 17.76 -37.82 6.44
CA THR E 161 16.64 -34.70 8.23
CA ALA E 162 18.91 -34.72 11.30
CA THR E 163 17.51 -33.53 14.63
CA ILE E 164 19.78 -31.28 16.71
CA THR E 165 18.71 -30.19 20.23
CA PRO E 166 20.14 -28.60 23.38
CA ARG E 167 20.28 -32.06 24.90
CA SER E 168 22.05 -33.48 21.82
CA PRO E 169 24.22 -30.59 20.43
CA SER E 170 26.07 -33.01 18.13
CA VAL E 171 24.17 -34.91 15.40
CA GLU E 172 25.32 -36.97 12.40
CA VAL E 173 24.23 -37.32 8.80
CA LYS E 174 24.00 -40.75 7.26
CA LEU E 175 24.65 -39.39 3.75
CA PRO E 176 23.69 -42.56 1.81
CA ASP E 177 27.03 -43.93 0.39
CA TYR E 178 28.89 -40.67 1.04
CA GLY E 179 30.89 -39.40 4.00
CA GLU E 180 29.22 -38.75 7.32
CA LEU E 181 29.41 -34.94 7.67
CA THR E 182 28.66 -33.77 11.20
CA LEU E 183 27.49 -30.38 12.54
CA ASP E 184 27.69 -29.39 16.28
CA CYS E 185 24.73 -27.23 17.40
CA GLU E 186 23.58 -25.01 20.31
CA PRO E 187 19.92 -24.17 20.49
CA ARG E 188 20.64 -21.96 23.54
CA SER E 189 21.18 -18.97 21.27
CA GLY E 190 19.64 -18.27 17.91
CA ILE E 191 16.50 -16.10 17.91
CA ASP E 192 16.00 -17.16 21.54
CA PHE E 193 12.74 -17.89 23.26
CA ASN E 194 13.77 -17.37 26.91
CA GLU E 195 11.10 -14.64 27.00
CA MET E 196 8.31 -14.69 24.35
CA ILE E 197 5.11 -16.58 25.05
CA LEU E 198 2.72 -18.51 22.74
CA MET E 199 -1.03 -18.01 22.07
CA LYS E 200 -3.80 -20.60 22.03
CA MET E 201 -5.92 -17.56 21.31
CA LYS E 202 -8.93 -19.43 19.85
CA LYS E 203 -6.78 -20.96 17.05
CA LYS E 204 -3.89 -18.87 15.63
CA THR E 205 -1.00 -18.04 17.92
CA TRP E 206 1.55 -15.51 16.65
CA LEU E 207 4.12 -15.18 19.49
CA VAL E 208 4.45 -11.51 20.55
CA HIS E 209 6.55 -11.62 23.73
CA LYS E 210 5.95 -11.28 27.44
CA GLN E 211 6.48 -8.05 29.22
CA TRP E 212 4.91 -6.24 26.24
CA PHE E 213 2.41 -8.88 27.12
CA LEU E 214 2.37 -8.88 30.87
CA ASP E 215 0.32 -5.68 31.17
CA LEU E 216 -1.81 -4.95 28.07
CA PRO E 217 -5.29 -4.10 29.64
CA LEU E 218 -7.91 -6.90 29.73
CA PRO E 219 -9.21 -8.85 32.77
CA TRP E 220 -6.93 -11.64 34.18
CA THR E 221 -6.17 -15.06 35.67
CA ALA E 222 -4.69 -16.92 38.63
CA GLY E 223 -3.08 -19.74 36.59
CA ALA E 224 -5.07 -22.52 34.82
CA ASP E 225 -8.85 -22.59 35.49
CA THR E 226 -11.95 -24.81 35.74
CA SER E 227 -14.19 -23.36 38.49
CA GLU E 228 -11.65 -21.40 40.49
CA VAL E 229 -12.36 -18.54 38.08
CA HIS E 230 -11.28 -15.60 40.23
CA TRP E 231 -9.33 -13.40 37.82
CA ASN E 232 -7.89 -10.15 39.11
CA HIS E 233 -9.36 -6.98 37.57
CA LYS E 234 -12.81 -6.94 36.06
CA GLU E 235 -13.08 -3.15 35.84
CA ARG E 236 -11.33 -2.88 32.41
CA MET E 237 -13.85 -5.54 31.36
CA VAL E 238 -17.53 -4.91 31.93
CA THR E 239 -18.08 -1.24 32.79
CA PHE E 240 -20.62 0.92 34.60
CA LYS E 241 -22.64 4.02 33.81
CA VAL E 242 -25.13 6.07 35.82
CA PRO E 243 -27.47 8.23 33.60
CA HIS E 244 -28.26 11.56 35.38
CA ALA E 245 -28.23 9.24 38.43
CA LYS E 246 -30.72 6.65 39.78
CA ARG E 247 -30.27 3.55 37.55
CA GLN E 248 -26.45 3.03 37.32
CA ASP E 249 -25.95 -0.33 35.55
CA VAL E 250 -22.99 -2.34 34.36
CA THR E 251 -22.93 -3.87 30.83
CA VAL E 252 -20.77 -6.75 29.51
CA LEU E 253 -18.72 -4.07 27.75
CA GLY E 254 -18.69 -6.32 24.70
CA SER E 255 -16.33 -8.59 22.77
CA GLN E 256 -12.57 -8.74 22.49
CA GLU E 257 -12.03 -11.13 19.65
CA GLY E 258 -11.09 -8.85 16.80
CA ALA E 259 -9.66 -6.22 19.03
CA MET E 260 -7.07 -8.83 19.84
CA HIS E 261 -5.87 -9.38 16.27
CA SER E 262 -5.59 -5.80 15.01
CA ALA E 263 -3.45 -5.38 18.09
CA LEU E 264 -1.10 -8.32 17.68
CA ALA E 265 0.03 -6.92 14.36
CA GLY E 266 3.65 -5.99 15.04
CA ALA E 267 4.47 -9.66 15.71
CA THR E 268 5.20 -12.89 13.89
CA GLU E 269 2.52 -15.50 13.42
CA VAL E 270 3.64 -19.12 13.11
CA ASP E 271 1.20 -21.99 13.59
CA SER E 272 -0.24 -23.74 16.63
CA GLY E 273 -2.22 -26.52 14.90
CA ASP E 274 -0.77 -28.57 17.78
CA GLY E 275 2.66 -29.65 19.03
CA ASN E 276 3.35 -26.05 18.08
CA HIS E 277 5.90 -26.09 15.26
CA MET E 278 7.85 -23.06 14.06
CA PHE E 279 8.34 -20.92 11.03
CA ALA E 280 10.22 -17.94 12.49
CA GLY E 281 13.37 -19.36 14.10
CA HIS E 282 16.98 -18.32 13.76
CA LEU E 283 19.34 -21.09 14.88
CA LYS E 284 22.96 -21.66 13.77
CA CYS E 285 26.13 -23.80 14.16
CA LYS E 286 29.29 -24.66 12.26
CA VAL E 287 29.78 -27.68 10.04
CA ARG E 288 32.37 -30.47 9.69
CA MET E 289 33.07 -32.17 6.33
CA GLU E 290 36.39 -33.84 5.59
CA LYS E 291 34.68 -37.18 4.83
CA LEU E 292 31.52 -36.73 2.71
CA ARG E 293 33.68 -38.03 -0.17
CA ILE E 294 33.34 -36.72 -3.74
CA LYS E 295 30.13 -38.73 -3.90
CA GLY E 296 31.32 -41.05 -6.60
CA MET E 297 34.61 -40.13 -8.21
CA SER E 298 36.63 -42.90 -9.79
CA TYR E 299 35.22 -43.90 -13.18
CA THR E 300 36.14 -42.22 -16.51
CA MET E 301 35.10 -39.25 -18.63
CA CYS E 302 32.09 -40.87 -20.31
CA SER E 303 32.04 -42.07 -23.88
CA GLY E 304 29.57 -39.86 -25.69
CA LYS E 305 25.91 -39.19 -26.54
CA PHE E 306 23.83 -36.69 -24.61
CA SER E 307 20.42 -35.15 -25.27
CA ILE E 308 18.96 -31.88 -24.01
CA ASP E 309 15.95 -33.05 -21.92
CA LYS E 310 15.12 -29.53 -20.68
CA GLU E 311 17.00 -26.23 -21.19
CA MET E 312 17.92 -24.35 -18.00
CA ALA E 313 16.61 -20.89 -17.05
CA GLU E 314 18.43 -20.16 -13.80
CA THR E 315 16.98 -18.19 -10.94
CA GLN E 316 17.25 -15.16 -8.78
CA HIS E 317 21.00 -15.62 -9.14
CA GLY E 318 22.84 -17.28 -12.00
CA THR E 319 22.31 -20.86 -11.04
CA THR E 320 21.42 -22.97 -14.18
CA VAL E 321 19.85 -26.41 -13.85
CA VAL E 322 19.65 -28.47 -17.03
CA LYS E 323 19.24 -32.24 -17.58
CA VAL E 324 20.80 -34.96 -19.78
CA LYS E 325 20.32 -38.24 -21.59
CA TYR E 326 23.62 -40.17 -22.04
CA GLU E 327 24.19 -43.81 -23.12
CA GLY E 328 26.87 -46.06 -24.63
CA ALA E 329 29.73 -47.55 -22.57
CA GLY E 330 27.85 -48.52 -19.41
CA ALA E 331 28.26 -47.83 -15.72
CA PRO E 332 29.27 -44.59 -14.03
CA CYS E 333 31.52 -41.89 -15.45
CA LYS E 334 32.13 -38.14 -15.03
CA VAL E 335 29.61 -36.49 -17.39
CA PRO E 336 32.02 -33.88 -18.84
CA ILE E 337 30.71 -30.31 -19.40
CA GLU E 338 33.01 -27.29 -19.11
CA ILE E 339 32.10 -23.75 -19.96
CA ARG E 340 33.50 -22.72 -23.35
CA ASP E 341 33.65 -18.95 -23.10
CA VAL E 342 32.90 -17.90 -26.70
CA ASN E 343 34.88 -19.14 -29.74
CA LYS E 344 38.38 -19.31 -28.23
CA GLU E 345 38.88 -21.35 -25.07
CA LYS E 346 38.45 -19.88 -21.58
CA VAL E 347 36.92 -22.37 -19.13
CA VAL E 348 35.13 -20.09 -16.66
CA GLY E 349 32.34 -20.80 -14.12
CA ARG E 350 32.41 -23.79 -11.84
CA ILE E 351 29.77 -26.45 -12.10
CA ILE E 352 28.00 -26.06 -8.76
CA SER E 353 27.41 -29.84 -8.92
CA SER E 354 30.89 -30.96 -7.83
CA THR E 355 30.74 -33.24 -10.90
CA PRO E 356 27.82 -35.51 -11.80
CA PHE E 357 27.61 -39.27 -11.19
CA ALA E 358 25.97 -39.80 -14.57
CA GLU E 359 24.81 -43.17 -13.11
CA ASN E 360 23.97 -46.14 -15.38
CA THR E 361 23.07 -46.22 -19.08
CA ASN E 362 20.38 -43.67 -19.96
CA SER E 363 18.89 -42.18 -16.83
CA VAL E 364 18.84 -38.41 -16.37
CA THR E 365 20.81 -36.38 -13.80
CA ASN E 366 20.33 -32.87 -12.39
CA ILE E 367 23.68 -31.25 -13.24
CA GLU E 368 23.29 -27.40 -13.27
CA LEU E 369 26.11 -24.84 -13.79
CA GLU E 370 26.92 -21.10 -13.75
CA PRO E 371 28.17 -19.00 -16.76
CA PRO E 372 29.80 -15.55 -16.73
CA PHE E 373 28.17 -12.40 -18.09
CA GLY E 374 29.17 -12.10 -21.74
CA ASP E 375 26.78 -14.93 -22.67
CA SER E 376 28.74 -17.96 -23.94
CA TYR E 377 28.41 -21.74 -24.49
CA ILE E 378 28.14 -24.83 -22.38
CA VAL E 379 29.31 -27.97 -24.14
CA ILE E 380 28.14 -31.48 -23.41
CA GLY E 381 29.61 -34.80 -24.50
CA VAL E 382 33.16 -35.07 -25.89
CA GLY E 383 34.88 -35.88 -29.17
CA GLU E 384 32.59 -33.87 -31.47
CA SER E 385 29.80 -35.92 -29.76
CA ALA E 386 27.02 -33.30 -29.81
CA LEU E 387 25.17 -30.53 -27.98
CA THR E 388 26.00 -27.04 -26.74
CA LEU E 389 23.98 -23.84 -26.02
CA HIS E 390 24.05 -20.11 -26.73
CA TRP E 391 22.32 -19.57 -23.41
CA PHE E 392 23.60 -17.47 -20.53
CA ARG E 393 22.36 -14.96 -17.97
CA LYS E 394 22.92 -11.38 -19.06
CA GLY E 395 22.47 -9.55 -15.75
CA SER E 396 25.56 -7.35 -16.18
CA SER E 397 28.57 -7.50 -13.84
CA ILE E 398 27.99 -4.57 -11.43
CA GLY E 399 24.54 -5.94 -10.52
CA LYS E 400 25.77 -8.78 -8.30
CA MET E 401 28.89 -7.11 -6.88
CA PHE E 402 26.47 -4.40 -5.83
CA GLU E 403 23.13 -6.02 -5.07
CA SER E 404 25.03 -8.66 -3.15
CA THR E 405 25.83 -6.35 -0.22
CA TYR E 406 22.25 -5.10 -0.23
CA ARG E 407 21.06 -8.73 -0.03
CA GLY E 408 23.90 -8.66 2.41
CA ALA E 409 23.08 -5.86 4.88
CA LYS E 410 19.46 -6.87 4.42
CA ARG E 411 20.59 -9.71 6.66
CA MET E 412 23.70 -8.54 8.44
CA ALA E 413 21.76 -5.72 10.18
CA ILE E 414 18.66 -7.84 10.99
CA LEU E 415 20.51 -10.70 12.64
CA GLY E 416 22.89 -8.72 14.94
CA GLU E 417 25.68 -11.28 14.66
CA THR E 418 28.84 -11.03 12.44
CA ALA E 419 29.09 -8.41 9.73
CA TRP E 420 29.05 -11.67 7.69
CA ASP E 421 29.02 -14.98 9.72
CA PHE E 422 29.85 -17.47 7.01
CA GLY E 423 33.63 -17.34 7.10
CA SER E 424 36.14 -19.44 9.05
CA VAL E 425 37.94 -17.19 11.62
CA GLY E 426 40.43 -14.29 11.24
CA GLY E 427 40.85 -10.64 12.08
CA LEU E 428 40.69 -9.01 8.63
CA PHE E 429 37.45 -8.10 6.67
CA THR E 430 35.69 -10.13 9.53
CA SER E 431 35.94 -12.45 12.58
CA LEU E 432 36.83 -11.13 16.02
CA GLY E 433 37.31 -7.94 14.05
CA LYS E 434 33.49 -7.78 14.01
CA ALA E 435 32.96 -7.89 17.78
CA VAL E 436 32.23 -4.13 17.74
CA HIS E 437 28.75 -3.74 16.29
CA GLN E 438 28.51 -7.46 17.16
CA VAL E 439 27.40 -6.29 20.63
CA PHE E 440 27.85 -2.53 20.11
CA GLY E 441 24.33 -2.91 18.80
CA SER E 442 23.23 -1.94 22.31
CA VAL E 443 22.21 1.30 20.60
CA TYR E 444 21.38 1.43 16.82
CA THR E 445 18.84 -1.44 17.32
CA THR E 446 18.43 -0.74 21.07
CA MET E 447 17.64 2.28 23.19
CA PHE E 448 16.41 4.10 20.16
CA GLY E 449 14.33 1.14 19.02
CA GLY E 450 10.87 -0.27 19.71
CA VAL E 451 9.32 2.76 18.09
CA SER E 452 6.60 2.41 15.47
CA TRP E 453 7.94 1.47 12.07
CA MET E 454 6.58 4.47 10.22
CA VAL E 455 7.78 6.81 12.94
CA ARG E 456 11.24 5.26 12.39
CA ILE E 457 11.25 7.08 9.07
CA LEU E 458 10.48 10.41 10.68
CA ILE E 459 13.24 9.96 13.26
CA GLY E 460 15.16 9.23 10.13
CA PHE E 461 15.20 12.63 8.43
CA LEU E 462 15.13 14.40 11.81
CA VAL E 463 18.39 12.95 13.18
CA LEU E 464 19.73 13.70 9.73
CA TRP E 465 18.55 17.30 10.22
CA ILE E 466 20.84 18.02 13.15
CA GLY E 467 23.61 16.64 10.97
CA THR E 468 24.24 18.55 7.74
CA ASN E 469 25.22 21.45 10.12
CA SER E 470 28.49 22.67 11.71
CA ARG E 471 28.71 21.03 15.12
CA ASN E 472 32.00 19.63 16.55
CA THR E 473 32.92 16.86 13.99
CA SER E 474 30.22 14.60 15.52
CA MET E 475 28.58 16.82 12.90
CA ALA E 476 28.63 14.10 10.23
CA MET E 477 30.39 11.27 12.06
CA THR E 478 26.97 11.03 13.77
CA CYS E 479 25.11 11.74 10.53
CA ILE E 480 25.46 8.03 9.81
CA ALA E 481 23.05 7.37 12.71
CA VAL E 482 20.28 7.88 10.14
CA GLY E 483 21.61 5.65 7.37
CA GLY E 484 22.37 3.21 10.14
CA ILE E 485 18.58 3.41 10.39
CA THR E 486 16.55 4.58 7.46
CA LEU E 487 18.26 3.02 4.34
CA PHE E 488 18.38 -0.46 5.91
CA LEU E 489 16.89 -1.44 9.37
CA GLY E 490 14.38 1.31 8.71
CA PHE E 491 12.58 0.66 5.44
CA THR E 492 12.88 -3.03 4.79
CA VAL E 493 11.47 -4.37 8.06
CA GLN E 494 7.80 -4.08 7.04
CA ALA E 495 7.65 -7.52 8.63
CA SER F 1 -8.00 -1.67 25.09
CA VAL F 2 -6.03 -3.99 22.83
CA ALA F 3 -6.93 -1.05 20.61
CA LEU F 4 -4.01 1.35 20.44
CA THR F 5 -0.70 0.03 21.91
CA PRO F 6 -0.27 -2.27 18.85
CA HIS F 7 2.79 -4.15 20.09
CA SER F 8 5.05 -2.55 17.37
CA GLY F 9 8.86 -2.56 17.65
CA MET F 10 8.04 -5.42 19.99
CA GLY F 11 11.59 -6.45 19.13
CA LEU F 12 11.17 -9.81 17.31
CA GLU F 13 12.09 -8.80 13.72
CA THR F 14 13.17 -12.11 11.93
CA ARG F 15 12.86 -13.04 8.16
CA ALA F 16 9.88 -15.01 9.35
CA GLU F 17 6.86 -13.28 7.83
CA THR F 18 4.61 -11.37 10.30
CA TRP F 19 0.92 -10.94 11.15
CA MET F 20 -1.78 -8.53 10.15
CA SER F 21 1.36 -7.73 8.22
CA SER F 22 1.45 -6.40 4.69
CA GLU F 23 -1.75 -4.33 4.59
CA GLY F 24 -0.96 -2.23 7.67
CA ALA F 25 1.30 0.06 5.59
CA TRP F 26 2.02 1.83 2.22
CA LYS F 27 -1.45 3.34 1.74
CA HIS F 28 -3.37 2.84 5.02
CA ALA F 29 -2.48 5.71 7.49
CA GLN F 30 -6.08 6.75 6.81
CA ARG F 31 -7.46 5.65 10.18
CA VAL F 32 -5.67 8.78 11.38
CA GLU F 33 -5.43 10.53 8.06
CA SER F 34 -9.13 10.50 7.31
CA TRP F 35 -9.24 12.74 10.41
CA ILE F 36 -7.62 15.61 8.58
CA LEU F 37 -10.18 15.79 5.76
CA ARG F 38 -12.76 15.71 8.54
CA ASN F 39 -12.33 19.33 9.76
CA PRO F 40 -10.00 22.36 9.42
CA GLY F 41 -8.46 20.98 6.85
CA PHE F 42 -5.83 21.45 12.05
CA ALA F 43 -6.20 24.74 10.20
CA LEU F 44 -4.92 28.07 11.50
CA LEU F 45 -4.38 26.52 14.96
CA ALA F 46 -1.66 24.62 13.15
CA GLY F 47 0.41 27.73 12.56
CA PHE F 48 -0.08 29.42 15.93
CA MET F 49 2.53 26.92 17.17
CA ALA F 50 4.77 27.81 14.28
CA TYR F 51 4.40 31.39 13.01
CA MET F 52 4.83 31.71 16.75
CA ILE F 53 7.60 29.99 18.79
CA GLY F 54 11.29 29.50 17.79
CA GLN F 55 11.38 29.93 13.98
CA THR F 56 14.29 29.69 11.49
CA GLY F 57 13.68 27.18 8.63
CA ILE F 58 13.79 23.91 10.63
CA GLN F 59 12.12 25.29 13.72
CA ARG F 60 9.97 26.68 10.90
CA THR F 61 8.17 23.46 9.88
CA VAL F 62 9.06 20.69 12.34
CA PHE F 63 6.49 21.40 15.07
CA PHE F 64 3.97 21.54 12.29
CA VAL F 65 4.20 17.77 11.48
CA LEU F 66 5.26 16.75 15.01
CA MET F 67 1.90 18.02 16.25
CA MET F 68 -0.57 17.21 13.50
CA LEU F 69 0.38 13.57 13.94
CA VAL F 70 -1.02 13.79 17.49
CA ALA F 71 -3.28 10.75 16.62
CA PRO F 72 -4.49 13.39 15.96
CA SER F 73 -5.63 12.71 19.53
CA TYR F 74 -5.30 8.96 20.03
#